data_7XSN
#
_entry.id   7XSN
#
_cell.length_a   1.00
_cell.length_b   1.00
_cell.length_c   1.00
_cell.angle_alpha   90.00
_cell.angle_beta   90.00
_cell.angle_gamma   90.00
#
_symmetry.space_group_name_H-M   'P 1'
#
_entity_poly.entity_id   1
_entity_poly.type   'polyribonucleotide'
_entity_poly.pdbx_seq_one_letter_code
;GGAGGGAAAAGUUAUCAGGCAUGCACCUGGUAGCUAGUCUUUAAACCAAUAGAUUGCAUCGGUUUAAAAGGCAAGACCGU
CAAAUUGCGGGAAAGGGGUCAACAGCCGUUCAGUACCAAGUCUCAGGGGAAACUUUGAGAUGGCCUUGCAAAGGGUAUGG
UAAUAAGCUGACGGACAUGGUCCUAACCACGCAGCCAAGUCCUAAGUCAACAGAUCUUCUGUUGAUAUGGAUGCAGUUCA
CAGACUAAAUGUCGGUCGGGGAAGAUGUAUUCUUCUCAUAAGAUAUAGUCGGACCUCUCCUUAAUGGGAGCUAGCGGAUG
AAGUGAUGCAACACUGGAGCCGCUGGGAACUAAUUUGUAUGCGAAAGUAUAUUGAUUAGUUUUGGAGU
;
_entity_poly.pdbx_strand_id   N
#